data_4WG4
#
_entry.id   4WG4
#
_cell.length_a   48.690
_cell.length_b   73.180
_cell.length_c   66.770
_cell.angle_alpha   90.000
_cell.angle_beta   99.750
_cell.angle_gamma   90.000
#
_symmetry.space_group_name_H-M   'P 1 21 1'
#
loop_
_entity.id
_entity.type
_entity.pdbx_description
1 polymer 'Calmodulin-domain protein kinase 1'
2 non-polymer 3-(7-ethoxynaphthalen-2-yl)-1-(piperidin-4-ylmethyl)-1H-pyrazolo[3,4-d]pyrimidin-4-amine
3 water water
#
_entity_poly.entity_id   1
_entity_poly.type   'polypeptide(L)'
_entity_poly.pdbx_seq_one_letter_code
;GPGSMMDHLHATPGMFVQHSTAIFSDRYKGQRVLGKGSFGEVILCKDKITGQECAVKVISKRQVKQKTDKESLLREVQLL
KQLDHPNIMKLYEFFEDKGYFYLVGEVYTGGELFDEIISRKRFSEVDAARIIRQVLSGITYMHKNKIVHRDLKPENLLLE
SKSKDANIRIIDFGLSTHFEASKKMKDKIGTAYYIAPEVLHGTYDEKCDVWSTGVILYILLSGCPPFNGANEYDILKKVE
KGKYTFELPQWKKVSESAKDLIRKMLTYVPSMRISARDALDHEWIQTYTKEQISVDVPSLDNAILNIRQFQGTQKLAQAA
LLYMGSKLTSQDETKELTAIFHKMDKNGDGQLDRAELIEGYKELMRMKGQDASMLDASAVEHEVDQVLDAVDFDKNGYIE
YSEFVTVAMDRKTLLSRERLERAFRMFDSDNSGKISSTELATIFGVSDVDSETWKSVLSEVDKNNDGEVDFDEFQQMLLK
LCGN
;
_entity_poly.pdbx_strand_id   A
#
loop_
_chem_comp.id
_chem_comp.type
_chem_comp.name
_chem_comp.formula
UWB non-polymer 3-(7-ethoxynaphthalen-2-yl)-1-(piperidin-4-ylmethyl)-1H-pyrazolo[3,4-d]pyrimidin-4-amine 'C23 H26 N6 O'
#
# COMPACT_ATOMS: atom_id res chain seq x y z
N SER A 20 -18.99 -14.94 -26.48
CA SER A 20 -19.50 -13.83 -25.62
C SER A 20 -18.59 -13.55 -24.42
N THR A 21 -17.56 -12.73 -24.66
CA THR A 21 -16.73 -12.21 -23.59
C THR A 21 -17.63 -11.72 -22.46
N ALA A 22 -17.16 -11.78 -21.22
CA ALA A 22 -18.03 -11.39 -20.11
C ALA A 22 -17.55 -10.08 -19.53
N ILE A 23 -18.50 -9.31 -19.01
CA ILE A 23 -18.23 -7.96 -18.53
C ILE A 23 -18.30 -7.90 -17.02
N PHE A 24 -17.31 -7.27 -16.44
CA PHE A 24 -17.18 -7.22 -14.99
C PHE A 24 -18.43 -6.62 -14.28
N SER A 25 -18.90 -5.46 -14.74
CA SER A 25 -20.03 -4.75 -14.09
C SER A 25 -21.40 -5.34 -14.40
N ASP A 26 -21.48 -6.29 -15.34
CA ASP A 26 -22.66 -7.14 -15.50
C ASP A 26 -22.84 -8.06 -14.30
N ARG A 27 -21.74 -8.42 -13.64
CA ARG A 27 -21.77 -9.33 -12.53
C ARG A 27 -21.61 -8.68 -11.14
N TYR A 28 -20.81 -7.62 -11.07
CA TYR A 28 -20.43 -7.04 -9.79
C TYR A 28 -20.80 -5.56 -9.70
N LYS A 29 -21.30 -5.14 -8.54
CA LYS A 29 -21.48 -3.71 -8.20
C LYS A 29 -20.53 -3.28 -7.10
N GLY A 30 -20.05 -2.05 -7.15
CA GLY A 30 -19.07 -1.55 -6.17
C GLY A 30 -19.76 -1.12 -4.89
N GLN A 31 -19.17 -1.46 -3.75
CA GLN A 31 -19.72 -1.06 -2.45
C GLN A 31 -18.96 0.19 -2.00
N ARG A 32 -17.64 0.09 -1.99
CA ARG A 32 -16.79 1.17 -1.51
CA ARG A 32 -16.77 1.17 -1.53
C ARG A 32 -15.34 0.86 -1.82
N VAL A 33 -14.49 1.88 -1.76
CA VAL A 33 -13.06 1.69 -2.02
C VAL A 33 -12.36 1.18 -0.77
N LEU A 34 -11.48 0.21 -0.95
CA LEU A 34 -10.71 -0.37 0.17
C LEU A 34 -9.37 0.33 0.29
N GLY A 35 -8.83 0.75 -0.83
CA GLY A 35 -7.56 1.44 -0.83
C GLY A 35 -6.81 1.25 -2.11
N LYS A 36 -5.58 1.73 -2.05
CA LYS A 36 -4.67 1.69 -3.16
C LYS A 36 -3.61 0.68 -2.77
N GLY A 37 -3.37 -0.25 -3.68
CA GLY A 37 -2.39 -1.26 -3.49
C GLY A 37 -1.48 -1.20 -4.69
N SER A 38 -0.58 -2.17 -4.77
CA SER A 38 0.34 -2.25 -5.87
C SER A 38 -0.46 -2.42 -7.16
N PHE A 39 -0.07 -1.63 -8.19
CA PHE A 39 -0.59 -1.71 -9.57
C PHE A 39 -2.04 -1.21 -9.81
N GLY A 40 -2.73 -0.77 -8.76
CA GLY A 40 -4.09 -0.25 -8.92
C GLY A 40 -4.94 -0.11 -7.67
N GLU A 41 -6.18 0.31 -7.89
CA GLU A 41 -7.14 0.52 -6.80
C GLU A 41 -7.80 -0.78 -6.44
N VAL A 42 -8.19 -0.94 -5.20
CA VAL A 42 -8.94 -2.09 -4.79
C VAL A 42 -10.27 -1.62 -4.22
N ILE A 43 -11.33 -2.22 -4.76
CA ILE A 43 -12.72 -1.93 -4.45
C ILE A 43 -13.41 -3.13 -3.81
N LEU A 44 -14.20 -2.92 -2.77
CA LEU A 44 -15.06 -3.95 -2.19
C LEU A 44 -16.29 -4.04 -3.11
N CYS A 45 -16.53 -5.21 -3.71
CA CYS A 45 -17.66 -5.41 -4.65
C CYS A 45 -18.59 -6.53 -4.22
N LYS A 46 -19.76 -6.56 -4.85
CA LYS A 46 -20.75 -7.54 -4.50
C LYS A 46 -21.39 -8.11 -5.77
N ASP A 47 -21.48 -9.44 -5.84
CA ASP A 47 -22.09 -10.10 -6.98
C ASP A 47 -23.58 -9.74 -7.01
N LYS A 48 -24.08 -9.29 -8.16
CA LYS A 48 -25.49 -8.82 -8.26
C LYS A 48 -26.56 -9.89 -8.10
N ILE A 49 -26.17 -11.15 -8.18
CA ILE A 49 -27.09 -12.29 -8.11
C ILE A 49 -26.94 -13.06 -6.81
N THR A 50 -25.73 -13.43 -6.44
CA THR A 50 -25.54 -14.29 -5.27
C THR A 50 -25.31 -13.49 -4.00
N GLY A 51 -25.01 -12.19 -4.11
CA GLY A 51 -24.65 -11.39 -2.93
C GLY A 51 -23.26 -11.65 -2.34
N GLN A 52 -22.44 -12.43 -3.02
CA GLN A 52 -21.06 -12.69 -2.58
C GLN A 52 -20.25 -11.37 -2.64
N GLU A 53 -19.62 -11.08 -1.51
CA GLU A 53 -18.72 -9.95 -1.39
C GLU A 53 -17.30 -10.37 -1.82
N CYS A 54 -16.60 -9.47 -2.51
CA CYS A 54 -15.23 -9.73 -2.93
CA CYS A 54 -15.25 -9.72 -3.01
C CYS A 54 -14.41 -8.44 -2.99
N ALA A 55 -13.10 -8.59 -3.00
CA ALA A 55 -12.17 -7.45 -3.13
C ALA A 55 -11.57 -7.48 -4.57
N VAL A 56 -11.84 -6.47 -5.37
CA VAL A 56 -11.41 -6.48 -6.76
C VAL A 56 -10.28 -5.49 -6.98
N LYS A 57 -9.17 -5.98 -7.50
CA LYS A 57 -8.03 -5.10 -7.83
C LYS A 57 -8.17 -4.74 -9.28
N VAL A 58 -8.19 -3.45 -9.55
CA VAL A 58 -8.46 -2.95 -10.89
C VAL A 58 -7.15 -2.34 -11.42
N ILE A 59 -6.62 -2.94 -12.47
CA ILE A 59 -5.36 -2.46 -13.05
C ILE A 59 -5.59 -1.70 -14.33
N SER A 60 -5.22 -0.43 -14.30
CA SER A 60 -5.33 0.46 -15.45
C SER A 60 -4.18 0.24 -16.42
N LYS A 61 -4.53 -0.10 -17.66
CA LYS A 61 -3.52 -0.38 -18.70
C LYS A 61 -2.71 0.86 -19.09
N ARG A 62 -3.33 2.04 -19.01
CA ARG A 62 -2.67 3.34 -19.26
C ARG A 62 -1.56 3.64 -18.26
N GLN A 63 -1.69 3.11 -17.06
CA GLN A 63 -0.83 3.45 -15.93
C GLN A 63 0.20 2.36 -15.64
N VAL A 64 -0.14 1.13 -16.03
CA VAL A 64 0.66 -0.04 -15.72
C VAL A 64 0.92 -0.80 -17.01
N LYS A 65 2.20 -0.88 -17.33
CA LYS A 65 2.67 -1.61 -18.49
C LYS A 65 2.82 -3.09 -18.12
N GLN A 66 2.48 -3.94 -19.09
CA GLN A 66 2.70 -5.38 -19.01
C GLN A 66 4.13 -5.78 -19.38
N LYS A 67 4.65 -6.80 -18.72
CA LYS A 67 6.00 -7.34 -19.03
C LYS A 67 5.95 -8.60 -19.93
N THR A 68 4.82 -9.30 -19.94
CA THR A 68 4.68 -10.57 -20.64
C THR A 68 3.61 -10.44 -21.74
N ASP A 69 3.49 -11.42 -22.63
CA ASP A 69 2.39 -11.38 -23.61
C ASP A 69 1.05 -11.80 -22.96
N LYS A 70 -0.06 -11.53 -23.65
CA LYS A 70 -1.37 -11.91 -23.15
C LYS A 70 -1.41 -13.40 -22.87
N GLU A 71 -0.88 -14.20 -23.76
CA GLU A 71 -0.87 -15.62 -23.56
C GLU A 71 -0.23 -16.04 -22.24
N SER A 72 0.86 -15.38 -21.87
CA SER A 72 1.59 -15.71 -20.65
C SER A 72 0.75 -15.38 -19.41
N LEU A 73 0.11 -14.22 -19.43
CA LEU A 73 -0.75 -13.76 -18.34
C LEU A 73 -2.00 -14.64 -18.15
N LEU A 74 -2.68 -14.98 -19.25
CA LEU A 74 -3.86 -15.83 -19.19
C LEU A 74 -3.55 -17.17 -18.54
N ARG A 75 -2.40 -17.76 -18.85
N ARG A 75 -2.39 -17.76 -18.86
CA ARG A 75 -2.05 -19.07 -18.29
CA ARG A 75 -2.01 -19.07 -18.33
C ARG A 75 -1.64 -19.00 -16.83
C ARG A 75 -1.65 -19.00 -16.85
N GLU A 76 -1.02 -17.89 -16.43
CA GLU A 76 -0.68 -17.68 -15.01
C GLU A 76 -1.94 -17.49 -14.17
N VAL A 77 -2.89 -16.69 -14.69
CA VAL A 77 -4.19 -16.50 -14.07
C VAL A 77 -4.90 -17.80 -13.89
N GLN A 78 -4.95 -18.59 -14.94
CA GLN A 78 -5.59 -19.91 -14.89
C GLN A 78 -5.02 -20.84 -13.83
N LEU A 79 -3.70 -20.83 -13.69
CA LEU A 79 -3.06 -21.60 -12.64
C LEU A 79 -3.43 -21.02 -11.26
N LEU A 80 -3.30 -19.69 -11.10
CA LEU A 80 -3.59 -19.06 -9.79
C LEU A 80 -5.00 -19.32 -9.30
N LYS A 81 -5.97 -19.34 -10.20
CA LYS A 81 -7.32 -19.66 -9.80
C LYS A 81 -7.47 -21.06 -9.19
N GLN A 82 -6.58 -21.98 -9.53
CA GLN A 82 -6.63 -23.38 -9.02
C GLN A 82 -5.82 -23.63 -7.75
N LEU A 83 -4.97 -22.70 -7.37
CA LEU A 83 -4.12 -22.92 -6.23
C LEU A 83 -4.90 -22.60 -4.98
N ASP A 84 -4.50 -23.23 -3.89
CA ASP A 84 -5.23 -23.12 -2.67
C ASP A 84 -4.35 -23.39 -1.45
N HIS A 85 -4.23 -22.38 -0.59
CA HIS A 85 -3.44 -22.52 0.61
C HIS A 85 -3.96 -21.51 1.65
N PRO A 86 -3.99 -21.89 2.94
CA PRO A 86 -4.58 -21.00 3.93
C PRO A 86 -3.87 -19.64 4.19
N ASN A 87 -2.63 -19.46 3.74
CA ASN A 87 -1.89 -18.23 3.96
C ASN A 87 -1.67 -17.48 2.66
N ILE A 88 -2.45 -17.82 1.63
CA ILE A 88 -2.40 -17.16 0.35
C ILE A 88 -3.79 -16.68 -0.10
N MET A 89 -3.88 -15.43 -0.52
CA MET A 89 -5.16 -14.90 -0.99
C MET A 89 -5.75 -15.76 -2.07
N LYS A 90 -7.04 -16.00 -2.00
CA LYS A 90 -7.72 -16.81 -2.99
C LYS A 90 -8.18 -15.97 -4.15
N LEU A 91 -7.77 -16.30 -5.36
CA LEU A 91 -8.23 -15.60 -6.55
C LEU A 91 -9.40 -16.31 -7.21
N TYR A 92 -10.49 -15.58 -7.45
CA TYR A 92 -11.73 -16.19 -7.96
C TYR A 92 -11.92 -16.01 -9.44
N GLU A 93 -11.72 -14.78 -9.90
CA GLU A 93 -12.04 -14.42 -11.30
C GLU A 93 -11.07 -13.40 -11.85
N PHE A 94 -11.09 -13.32 -13.17
CA PHE A 94 -10.30 -12.40 -13.96
C PHE A 94 -11.12 -11.86 -15.13
N PHE A 95 -11.14 -10.53 -15.32
CA PHE A 95 -11.88 -9.90 -16.43
C PHE A 95 -10.96 -8.90 -17.07
N GLU A 96 -11.23 -8.63 -18.33
CA GLU A 96 -10.44 -7.69 -19.09
C GLU A 96 -11.35 -6.96 -20.04
N ASP A 97 -11.17 -5.65 -20.14
CA ASP A 97 -11.80 -4.89 -21.20
C ASP A 97 -10.75 -3.96 -21.81
N LYS A 98 -11.25 -3.01 -22.59
CA LYS A 98 -10.48 -1.98 -23.25
C LYS A 98 -9.39 -1.34 -22.36
N GLY A 99 -9.78 -0.89 -21.17
CA GLY A 99 -8.93 -0.02 -20.34
C GLY A 99 -8.32 -0.69 -19.12
N TYR A 100 -8.87 -1.84 -18.74
CA TYR A 100 -8.60 -2.39 -17.43
C TYR A 100 -8.57 -3.89 -17.36
N PHE A 101 -7.83 -4.38 -16.35
CA PHE A 101 -7.87 -5.76 -15.88
C PHE A 101 -8.52 -5.74 -14.52
N TYR A 102 -9.35 -6.74 -14.22
CA TYR A 102 -10.10 -6.80 -12.96
C TYR A 102 -9.81 -8.15 -12.30
N LEU A 103 -9.14 -8.09 -11.16
CA LEU A 103 -8.75 -9.30 -10.45
C LEU A 103 -9.60 -9.45 -9.21
N VAL A 104 -10.42 -10.49 -9.15
CA VAL A 104 -11.46 -10.58 -8.11
C VAL A 104 -11.01 -11.62 -7.13
N GLY A 105 -10.78 -11.22 -5.87
CA GLY A 105 -10.34 -12.10 -4.82
C GLY A 105 -11.20 -12.01 -3.56
N GLU A 106 -10.84 -12.84 -2.59
CA GLU A 106 -11.56 -12.95 -1.36
C GLU A 106 -11.26 -11.71 -0.54
N VAL A 107 -12.25 -11.20 0.21
CA VAL A 107 -12.06 -10.00 1.04
C VAL A 107 -11.54 -10.45 2.38
N TYR A 108 -10.57 -9.74 2.92
CA TYR A 108 -10.14 -9.94 4.33
C TYR A 108 -10.25 -8.61 5.07
N THR A 109 -10.57 -8.70 6.36
CA THR A 109 -11.07 -7.56 7.12
C THR A 109 -10.23 -7.24 8.32
N GLY A 110 -9.17 -7.99 8.58
CA GLY A 110 -8.30 -7.75 9.76
C GLY A 110 -7.23 -6.71 9.57
N GLY A 111 -7.09 -6.21 8.35
CA GLY A 111 -6.07 -5.21 8.03
C GLY A 111 -4.63 -5.73 7.99
N GLU A 112 -3.69 -4.79 7.91
CA GLU A 112 -2.27 -5.10 7.82
C GLU A 112 -1.68 -5.60 9.13
N LEU A 113 -0.88 -6.64 9.03
CA LEU A 113 -0.31 -7.28 10.21
C LEU A 113 0.35 -6.30 11.21
N PHE A 114 1.19 -5.38 10.73
CA PHE A 114 1.95 -4.49 11.62
C PHE A 114 1.05 -3.53 12.40
N ASP A 115 -0.06 -3.14 11.77
CA ASP A 115 -1.08 -2.29 12.39
C ASP A 115 -1.76 -3.01 13.57
N GLU A 116 -1.92 -4.32 13.47
CA GLU A 116 -2.45 -5.10 14.57
C GLU A 116 -1.38 -5.31 15.66
N ILE A 117 -0.12 -5.47 15.26
CA ILE A 117 0.93 -5.72 16.24
C ILE A 117 1.17 -4.52 17.14
N ILE A 118 1.16 -3.32 16.58
CA ILE A 118 1.42 -2.14 17.41
C ILE A 118 0.30 -1.92 18.44
N SER A 119 -0.88 -2.51 18.22
CA SER A 119 -2.00 -2.40 19.16
C SER A 119 -1.90 -3.31 20.38
N ARG A 120 -0.94 -4.23 20.45
CA ARG A 120 -0.88 -5.19 21.58
C ARG A 120 0.16 -4.75 22.65
N LYS A 121 -0.04 -5.15 23.89
CA LYS A 121 0.83 -4.69 24.96
C LYS A 121 2.01 -5.61 25.17
N ARG A 122 1.88 -6.88 24.79
CA ARG A 122 3.08 -7.76 24.77
C ARG A 122 3.28 -8.55 23.46
N PHE A 123 4.54 -8.78 23.11
CA PHE A 123 4.94 -9.50 21.90
C PHE A 123 6.20 -10.29 22.21
N SER A 124 6.15 -11.62 22.06
CA SER A 124 7.29 -12.48 22.38
C SER A 124 7.85 -13.18 21.12
N GLU A 125 8.96 -13.90 21.27
CA GLU A 125 9.51 -14.75 20.19
C GLU A 125 8.49 -15.80 19.73
N VAL A 126 7.63 -16.24 20.63
CA VAL A 126 6.60 -17.19 20.27
C VAL A 126 5.57 -16.58 19.29
N ASP A 127 5.23 -15.33 19.51
CA ASP A 127 4.36 -14.59 18.59
C ASP A 127 5.00 -14.40 17.22
N ALA A 128 6.30 -14.06 17.21
CA ALA A 128 7.03 -13.90 15.96
C ALA A 128 7.16 -15.21 15.17
N ALA A 129 7.45 -16.29 15.87
CA ALA A 129 7.66 -17.58 15.25
C ALA A 129 6.39 -18.09 14.59
N ARG A 130 5.28 -17.87 15.27
CA ARG A 130 3.97 -18.27 14.74
C ARG A 130 3.59 -17.49 13.48
N ILE A 131 3.94 -16.21 13.45
CA ILE A 131 3.75 -15.39 12.26
C ILE A 131 4.63 -15.86 11.10
N ILE A 132 5.93 -16.00 11.38
CA ILE A 132 6.88 -16.36 10.36
C ILE A 132 6.60 -17.78 9.81
N ARG A 133 6.13 -18.72 10.62
CA ARG A 133 5.80 -20.05 10.13
CA ARG A 133 5.79 -20.05 10.12
C ARG A 133 4.73 -19.94 9.02
N GLN A 134 3.71 -19.13 9.27
CA GLN A 134 2.63 -18.90 8.31
C GLN A 134 3.15 -18.38 7.01
N VAL A 135 4.07 -17.43 7.07
CA VAL A 135 4.57 -16.78 5.87
C VAL A 135 5.35 -17.81 5.05
N LEU A 136 6.22 -18.56 5.72
CA LEU A 136 7.07 -19.54 5.11
C LEU A 136 6.25 -20.68 4.50
N SER A 137 5.17 -21.05 5.17
CA SER A 137 4.28 -22.08 4.68
C SER A 137 3.63 -21.67 3.34
N GLY A 138 3.15 -20.43 3.26
CA GLY A 138 2.57 -19.91 2.01
C GLY A 138 3.61 -19.87 0.90
N ILE A 139 4.80 -19.36 1.24
CA ILE A 139 5.85 -19.21 0.28
C ILE A 139 6.26 -20.59 -0.27
N THR A 140 6.48 -21.54 0.64
CA THR A 140 6.91 -22.91 0.23
C THR A 140 5.93 -23.50 -0.77
N TYR A 141 4.65 -23.39 -0.47
CA TYR A 141 3.62 -23.83 -1.38
C TYR A 141 3.71 -23.14 -2.76
N MET A 142 3.81 -21.82 -2.77
CA MET A 142 3.86 -21.09 -4.04
C MET A 142 5.11 -21.46 -4.88
N HIS A 143 6.26 -21.67 -4.21
CA HIS A 143 7.50 -22.03 -4.86
C HIS A 143 7.38 -23.45 -5.48
N LYS A 144 6.72 -24.37 -4.79
CA LYS A 144 6.44 -25.67 -5.38
C LYS A 144 5.71 -25.54 -6.68
N ASN A 145 4.90 -24.48 -6.78
CA ASN A 145 4.11 -24.24 -7.99
C ASN A 145 4.76 -23.22 -8.95
N LYS A 146 6.03 -22.91 -8.71
CA LYS A 146 6.86 -22.10 -9.59
C LYS A 146 6.43 -20.63 -9.68
N ILE A 147 5.93 -20.08 -8.59
CA ILE A 147 5.47 -18.69 -8.55
C ILE A 147 6.28 -18.01 -7.47
N VAL A 148 6.82 -16.86 -7.84
CA VAL A 148 7.70 -16.06 -7.02
C VAL A 148 6.93 -14.73 -6.69
N HIS A 149 7.10 -14.21 -5.48
CA HIS A 149 6.43 -12.93 -5.15
C HIS A 149 7.30 -11.77 -5.61
N ARG A 150 8.54 -11.76 -5.13
CA ARG A 150 9.49 -10.71 -5.36
C ARG A 150 9.31 -9.42 -4.53
N ASP A 151 8.07 -9.03 -4.24
CA ASP A 151 7.80 -7.75 -3.54
C ASP A 151 7.20 -7.96 -2.18
N LEU A 152 7.56 -9.06 -1.53
CA LEU A 152 7.00 -9.37 -0.23
C LEU A 152 7.41 -8.25 0.73
N LYS A 153 6.45 -7.73 1.48
CA LYS A 153 6.70 -6.72 2.51
C LYS A 153 5.53 -6.71 3.47
N PRO A 154 5.67 -6.02 4.60
CA PRO A 154 4.58 -6.02 5.63
C PRO A 154 3.19 -5.64 5.11
N GLU A 155 3.06 -4.67 4.20
CA GLU A 155 1.77 -4.30 3.57
C GLU A 155 1.05 -5.44 2.83
N ASN A 156 1.78 -6.47 2.38
CA ASN A 156 1.16 -7.60 1.67
C ASN A 156 0.76 -8.74 2.57
N LEU A 157 0.91 -8.54 3.88
CA LEU A 157 0.45 -9.48 4.87
C LEU A 157 -0.80 -8.97 5.57
N LEU A 158 -1.95 -9.57 5.21
CA LEU A 158 -3.23 -9.21 5.74
C LEU A 158 -3.70 -10.24 6.75
N LEU A 159 -4.44 -9.82 7.78
CA LEU A 159 -5.06 -10.76 8.69
C LEU A 159 -6.45 -11.03 8.18
N GLU A 160 -6.81 -12.30 8.18
CA GLU A 160 -8.07 -12.76 7.58
C GLU A 160 -9.31 -12.10 8.19
N SER A 161 -9.30 -11.96 9.52
CA SER A 161 -10.36 -11.25 10.27
C SER A 161 -9.75 -10.45 11.44
N LYS A 162 -10.61 -9.87 12.26
CA LYS A 162 -10.14 -8.98 13.33
C LYS A 162 -9.98 -9.69 14.68
N SER A 163 -10.16 -11.03 14.67
CA SER A 163 -9.87 -11.89 15.83
C SER A 163 -8.38 -11.99 16.14
N LYS A 164 -8.05 -12.24 17.40
CA LYS A 164 -6.66 -12.28 17.88
C LYS A 164 -5.83 -13.40 17.23
N ASP A 165 -6.44 -14.58 17.12
CA ASP A 165 -5.79 -15.73 16.49
C ASP A 165 -5.48 -15.55 14.99
N ALA A 166 -6.41 -14.97 14.25
CA ALA A 166 -6.53 -14.99 12.77
C ALA A 166 -5.28 -15.32 11.91
N ASN A 167 -5.48 -16.11 10.87
CA ASN A 167 -4.43 -16.39 9.91
C ASN A 167 -4.04 -15.19 9.05
N ILE A 168 -2.78 -15.23 8.62
CA ILE A 168 -2.17 -14.29 7.68
C ILE A 168 -2.50 -14.73 6.27
N ARG A 169 -2.79 -13.79 5.41
CA ARG A 169 -3.06 -14.02 3.99
C ARG A 169 -2.13 -13.17 3.22
N ILE A 170 -1.36 -13.72 2.31
CA ILE A 170 -0.37 -12.96 1.57
C ILE A 170 -1.06 -12.52 0.31
N ILE A 171 -0.96 -11.24 -0.02
CA ILE A 171 -1.54 -10.72 -1.26
C ILE A 171 -0.45 -10.42 -2.28
N ASP A 172 -0.90 -10.37 -3.52
CA ASP A 172 -0.06 -10.00 -4.67
C ASP A 172 0.96 -11.06 -5.18
N PHE A 173 0.87 -12.34 -4.74
CA PHE A 173 1.79 -13.38 -5.34
C PHE A 173 1.63 -13.47 -6.83
N GLY A 174 2.66 -13.27 -7.61
CA GLY A 174 2.58 -13.55 -9.05
C GLY A 174 2.41 -12.33 -9.93
N LEU A 175 1.99 -11.24 -9.32
CA LEU A 175 1.79 -9.98 -10.08
C LEU A 175 3.03 -9.44 -10.74
N SER A 176 4.11 -9.43 -9.98
CA SER A 176 5.30 -8.67 -10.33
C SER A 176 5.97 -9.25 -11.58
N THR A 177 5.71 -10.52 -11.85
CA THR A 177 6.22 -11.16 -13.04
C THR A 177 5.59 -10.56 -14.31
N HIS A 178 4.32 -10.16 -14.23
CA HIS A 178 3.58 -9.69 -15.44
C HIS A 178 3.38 -8.18 -15.58
N PHE A 179 3.60 -7.41 -14.51
CA PHE A 179 3.41 -5.97 -14.57
C PHE A 179 4.62 -5.22 -14.02
N GLU A 180 4.96 -4.11 -14.67
CA GLU A 180 6.05 -3.27 -14.19
C GLU A 180 5.59 -2.30 -13.10
N ALA A 181 6.37 -2.22 -12.02
CA ALA A 181 6.05 -1.36 -10.91
C ALA A 181 6.13 0.14 -11.27
N SER A 182 5.31 0.93 -10.56
CA SER A 182 5.37 2.38 -10.58
C SER A 182 6.76 2.85 -10.13
N LYS A 183 7.23 3.89 -10.80
CA LYS A 183 8.43 4.57 -10.33
C LYS A 183 8.08 5.74 -9.37
N LYS A 184 6.79 5.95 -9.11
CA LYS A 184 6.33 7.06 -8.26
C LYS A 184 6.48 6.74 -6.77
N MET A 185 7.01 7.69 -6.00
CA MET A 185 7.35 7.46 -4.59
C MET A 185 6.12 7.10 -3.76
N LYS A 186 5.03 7.77 -4.05
CA LYS A 186 3.77 7.49 -3.38
C LYS A 186 3.39 5.99 -3.48
N ASP A 187 3.82 5.33 -4.56
CA ASP A 187 3.65 3.88 -4.75
C ASP A 187 4.84 3.06 -4.21
N LYS A 188 5.99 3.69 -4.01
CA LYS A 188 7.26 2.97 -3.64
C LYS A 188 7.53 2.85 -2.13
N ILE A 189 6.83 3.61 -1.30
CA ILE A 189 7.16 3.73 0.13
C ILE A 189 7.31 2.37 0.74
N GLY A 190 8.42 2.16 1.44
CA GLY A 190 8.64 0.90 2.11
C GLY A 190 9.35 -0.17 1.30
N THR A 191 9.31 -0.12 -0.03
CA THR A 191 9.83 -1.23 -0.85
C THR A 191 11.31 -1.56 -0.64
N ALA A 192 12.17 -0.53 -0.54
CA ALA A 192 13.62 -0.73 -0.43
C ALA A 192 14.15 -1.57 0.73
N TYR A 193 13.47 -1.51 1.87
CA TYR A 193 13.94 -2.27 3.02
C TYR A 193 13.96 -3.77 2.76
N TYR A 194 13.08 -4.26 1.88
CA TYR A 194 12.72 -5.69 1.82
C TYR A 194 13.20 -6.42 0.54
N ILE A 195 13.67 -5.66 -0.45
CA ILE A 195 14.03 -6.22 -1.75
C ILE A 195 15.41 -6.96 -1.68
N ALA A 196 15.50 -8.17 -2.26
CA ALA A 196 16.76 -8.96 -2.20
C ALA A 196 17.82 -8.35 -3.13
N PRO A 197 19.11 -8.35 -2.74
CA PRO A 197 20.11 -7.71 -3.54
C PRO A 197 20.18 -8.18 -5.02
N GLU A 198 19.93 -9.48 -5.27
CA GLU A 198 19.99 -10.05 -6.61
C GLU A 198 18.89 -9.52 -7.50
N VAL A 199 17.76 -9.12 -6.90
CA VAL A 199 16.68 -8.46 -7.65
C VAL A 199 17.19 -7.10 -8.18
N LEU A 200 18.01 -6.41 -7.39
CA LEU A 200 18.56 -5.15 -7.84
C LEU A 200 19.40 -5.32 -9.10
N HIS A 201 20.16 -6.39 -9.20
CA HIS A 201 21.11 -6.57 -10.27
C HIS A 201 20.57 -7.37 -11.44
N GLY A 202 19.42 -8.02 -11.30
CA GLY A 202 18.72 -8.56 -12.47
C GLY A 202 18.59 -10.08 -12.57
N THR A 203 19.50 -10.82 -11.94
CA THR A 203 19.42 -12.24 -11.99
C THR A 203 18.85 -12.75 -10.67
N TYR A 204 17.57 -13.14 -10.67
CA TYR A 204 16.97 -13.62 -9.44
C TYR A 204 16.05 -14.83 -9.66
N ASP A 205 15.79 -15.54 -8.58
CA ASP A 205 14.90 -16.68 -8.55
C ASP A 205 14.10 -16.67 -7.21
N GLU A 206 13.44 -17.77 -6.88
CA GLU A 206 12.57 -17.86 -5.73
C GLU A 206 13.23 -17.57 -4.39
N LYS A 207 14.56 -17.71 -4.31
CA LYS A 207 15.28 -17.37 -3.06
C LYS A 207 15.13 -15.89 -2.63
N CYS A 208 14.78 -14.99 -3.57
CA CYS A 208 14.55 -13.62 -3.21
C CYS A 208 13.42 -13.48 -2.15
N ASP A 209 12.45 -14.41 -2.13
CA ASP A 209 11.36 -14.36 -1.16
C ASP A 209 11.82 -14.74 0.23
N VAL A 210 12.85 -15.59 0.32
CA VAL A 210 13.38 -15.94 1.63
C VAL A 210 14.08 -14.73 2.27
N TRP A 211 14.88 -14.03 1.47
CA TRP A 211 15.56 -12.80 1.93
C TRP A 211 14.55 -11.80 2.52
N SER A 212 13.51 -11.45 1.74
CA SER A 212 12.47 -10.53 2.19
C SER A 212 11.86 -10.95 3.52
N THR A 213 11.58 -12.25 3.66
CA THR A 213 11.04 -12.81 4.91
C THR A 213 12.01 -12.64 6.05
N GLY A 214 13.30 -12.84 5.77
CA GLY A 214 14.36 -12.62 6.75
C GLY A 214 14.39 -11.20 7.27
N VAL A 215 14.19 -10.23 6.37
CA VAL A 215 14.18 -8.83 6.76
C VAL A 215 12.95 -8.56 7.66
N ILE A 216 11.80 -9.05 7.26
CA ILE A 216 10.59 -8.97 8.04
C ILE A 216 10.80 -9.55 9.45
N LEU A 217 11.34 -10.77 9.52
CA LEU A 217 11.70 -11.37 10.83
C LEU A 217 12.64 -10.52 11.69
N TYR A 218 13.72 -10.02 11.09
CA TYR A 218 14.63 -9.15 11.82
C TYR A 218 13.83 -7.98 12.46
N ILE A 219 12.90 -7.41 11.70
CA ILE A 219 12.16 -6.26 12.13
C ILE A 219 11.17 -6.67 13.27
N LEU A 220 10.53 -7.83 13.16
CA LEU A 220 9.65 -8.30 14.22
C LEU A 220 10.33 -8.44 15.58
N LEU A 221 11.58 -8.85 15.58
CA LEU A 221 12.34 -9.11 16.83
C LEU A 221 13.18 -7.92 17.34
N SER A 222 13.42 -6.89 16.52
CA SER A 222 14.15 -5.69 16.96
C SER A 222 13.37 -4.40 16.78
N GLY A 223 12.44 -4.36 15.84
CA GLY A 223 11.71 -3.11 15.54
C GLY A 223 12.44 -2.12 14.61
N CYS A 224 13.63 -2.50 14.11
CA CYS A 224 14.37 -1.69 13.12
C CYS A 224 14.74 -2.48 11.87
N PRO A 225 14.80 -1.80 10.72
CA PRO A 225 15.27 -2.48 9.49
C PRO A 225 16.74 -2.89 9.60
N PRO A 226 17.09 -4.13 9.18
CA PRO A 226 18.53 -4.42 9.15
C PRO A 226 19.29 -3.52 8.16
N PHE A 227 18.66 -3.10 7.07
CA PHE A 227 19.27 -2.20 6.11
C PHE A 227 18.52 -0.89 6.07
N ASN A 228 19.17 0.15 6.56
CA ASN A 228 18.47 1.42 6.83
C ASN A 228 19.30 2.59 6.33
N GLY A 229 18.67 3.76 6.26
CA GLY A 229 19.31 4.97 5.72
C GLY A 229 18.32 6.10 5.59
N ALA A 230 18.79 7.25 5.10
CA ALA A 230 18.04 8.51 5.19
C ALA A 230 17.13 8.78 4.00
N ASN A 231 17.23 7.93 2.99
CA ASN A 231 16.39 8.06 1.80
C ASN A 231 16.48 6.72 1.03
N GLU A 232 15.74 6.63 -0.06
CA GLU A 232 15.59 5.36 -0.71
C GLU A 232 16.92 4.78 -1.22
N TYR A 233 17.70 5.61 -1.85
CA TYR A 233 18.93 5.18 -2.45
C TYR A 233 19.95 4.74 -1.40
N ASP A 234 19.95 5.43 -0.26
CA ASP A 234 20.83 5.03 0.83
C ASP A 234 20.49 3.64 1.37
N ILE A 235 19.20 3.33 1.37
CA ILE A 235 18.75 2.04 1.84
C ILE A 235 19.25 0.98 0.82
N LEU A 236 18.98 1.23 -0.45
CA LEU A 236 19.37 0.34 -1.52
C LEU A 236 20.90 0.06 -1.49
N LYS A 237 21.69 1.05 -1.18
CA LYS A 237 23.11 0.87 -1.07
C LYS A 237 23.51 -0.08 0.06
N LYS A 238 22.83 0.01 1.20
CA LYS A 238 23.12 -0.92 2.32
C LYS A 238 22.76 -2.35 1.95
N VAL A 239 21.62 -2.50 1.28
CA VAL A 239 21.10 -3.80 0.85
C VAL A 239 22.11 -4.44 -0.10
N GLU A 240 22.57 -3.67 -1.04
CA GLU A 240 23.40 -4.21 -2.07
C GLU A 240 24.76 -4.68 -1.51
N LYS A 241 25.32 -3.98 -0.54
CA LYS A 241 26.49 -4.45 0.15
C LYS A 241 26.16 -5.62 1.08
N GLY A 242 24.94 -5.68 1.62
CA GLY A 242 24.45 -6.86 2.31
C GLY A 242 24.91 -7.08 3.75
N LYS A 243 25.55 -6.09 4.34
CA LYS A 243 26.06 -6.28 5.74
C LYS A 243 25.11 -5.65 6.76
N TYR A 244 24.91 -6.35 7.88
CA TYR A 244 23.98 -5.94 8.92
C TYR A 244 24.55 -6.46 10.21
N THR A 245 24.04 -6.01 11.35
CA THR A 245 24.58 -6.47 12.63
C THR A 245 23.48 -6.70 13.63
N PHE A 246 23.81 -7.41 14.70
CA PHE A 246 22.94 -7.63 15.83
C PHE A 246 23.52 -6.91 17.05
N GLU A 247 24.10 -5.73 16.88
CA GLU A 247 24.78 -5.05 18.00
C GLU A 247 23.88 -4.07 18.73
N LEU A 248 22.61 -4.00 18.35
CA LEU A 248 21.65 -3.15 19.06
C LEU A 248 21.28 -3.80 20.41
N PRO A 249 21.08 -2.99 21.46
CA PRO A 249 20.79 -3.52 22.77
C PRO A 249 19.70 -4.58 22.79
N GLN A 250 18.64 -4.38 22.01
CA GLN A 250 17.48 -5.27 22.12
C GLN A 250 17.72 -6.68 21.59
N TRP A 251 18.82 -6.87 20.84
CA TRP A 251 19.23 -8.22 20.44
C TRP A 251 19.73 -9.07 21.62
N LYS A 252 20.13 -8.44 22.71
CA LYS A 252 20.61 -9.17 23.91
C LYS A 252 19.54 -10.08 24.50
N LYS A 253 18.27 -9.68 24.43
CA LYS A 253 17.11 -10.47 24.91
C LYS A 253 16.65 -11.62 23.96
N VAL A 254 17.32 -11.82 22.81
CA VAL A 254 16.81 -12.71 21.76
C VAL A 254 17.64 -14.00 21.64
N SER A 255 16.95 -15.11 21.43
CA SER A 255 17.60 -16.40 21.36
C SER A 255 18.61 -16.52 20.23
N GLU A 256 19.63 -17.32 20.51
CA GLU A 256 20.61 -17.67 19.52
C GLU A 256 20.00 -18.27 18.24
N SER A 257 19.04 -19.18 18.42
CA SER A 257 18.50 -19.92 17.28
C SER A 257 17.82 -18.98 16.28
N ALA A 258 17.19 -17.92 16.80
CA ALA A 258 16.56 -16.93 15.95
C ALA A 258 17.59 -16.18 15.12
N LYS A 259 18.70 -15.81 15.71
CA LYS A 259 19.73 -15.09 14.96
C LYS A 259 20.38 -15.97 13.89
N ASP A 260 20.44 -17.26 14.17
CA ASP A 260 20.99 -18.23 13.24
C ASP A 260 20.09 -18.37 12.01
N LEU A 261 18.79 -18.42 12.25
CA LEU A 261 17.82 -18.52 11.14
C LEU A 261 17.88 -17.24 10.31
N ILE A 262 17.88 -16.10 10.99
CA ILE A 262 18.08 -14.85 10.32
C ILE A 262 19.31 -14.88 9.42
N ARG A 263 20.44 -15.30 9.95
CA ARG A 263 21.67 -15.32 9.19
C ARG A 263 21.53 -16.10 7.91
N LYS A 264 20.85 -17.24 7.99
CA LYS A 264 20.74 -18.10 6.85
C LYS A 264 19.75 -17.54 5.83
N MET A 265 18.78 -16.75 6.29
CA MET A 265 17.83 -16.18 5.32
C MET A 265 18.43 -14.96 4.65
N LEU A 266 19.32 -14.26 5.38
CA LEU A 266 20.00 -13.07 4.88
C LEU A 266 21.39 -13.39 4.31
N THR A 267 21.55 -14.61 3.85
CA THR A 267 22.79 -15.04 3.21
C THR A 267 22.86 -14.44 1.80
N TYR A 268 23.99 -13.84 1.47
CA TYR A 268 24.08 -13.01 0.24
C TYR A 268 23.90 -13.79 -1.08
N VAL A 269 24.68 -14.85 -1.25
CA VAL A 269 24.64 -15.64 -2.49
C VAL A 269 23.42 -16.56 -2.40
N PRO A 270 22.48 -16.42 -3.37
CA PRO A 270 21.21 -17.12 -3.31
C PRO A 270 21.35 -18.63 -3.22
N SER A 271 22.29 -19.19 -3.93
CA SER A 271 22.43 -20.67 -3.90
C SER A 271 22.88 -21.16 -2.49
N MET A 272 23.47 -20.28 -1.69
CA MET A 272 23.90 -20.62 -0.35
CA MET A 272 23.90 -20.60 -0.34
C MET A 272 22.84 -20.27 0.71
N ARG A 273 21.83 -19.49 0.32
CA ARG A 273 20.74 -19.07 1.21
C ARG A 273 19.82 -20.25 1.40
N ILE A 274 19.29 -20.39 2.61
CA ILE A 274 18.36 -21.46 2.95
C ILE A 274 17.05 -21.34 2.12
N SER A 275 16.47 -22.46 1.73
CA SER A 275 15.18 -22.44 1.08
C SER A 275 14.05 -22.22 2.10
N ALA A 276 12.88 -21.88 1.55
CA ALA A 276 11.70 -21.68 2.33
C ALA A 276 11.43 -22.91 3.14
N ARG A 277 11.49 -24.06 2.46
CA ARG A 277 11.05 -25.31 3.01
C ARG A 277 11.94 -25.71 4.17
N ASP A 278 13.25 -25.55 4.00
CA ASP A 278 14.21 -25.89 5.04
C ASP A 278 14.09 -24.94 6.21
N ALA A 279 13.72 -23.67 5.98
CA ALA A 279 13.57 -22.72 7.08
C ALA A 279 12.43 -23.15 8.01
N LEU A 280 11.35 -23.70 7.43
CA LEU A 280 10.29 -24.31 8.22
C LEU A 280 10.78 -25.37 9.18
N ASP A 281 11.85 -26.07 8.81
CA ASP A 281 12.42 -27.08 9.71
C ASP A 281 13.49 -26.53 10.64
N HIS A 282 13.75 -25.23 10.63
CA HIS A 282 14.83 -24.72 11.47
C HIS A 282 14.45 -24.85 12.95
N GLU A 283 15.44 -25.17 13.76
CA GLU A 283 15.31 -25.29 15.21
C GLU A 283 14.44 -24.19 15.84
N TRP A 284 14.68 -22.92 15.50
CA TRP A 284 13.89 -21.80 16.00
C TRP A 284 12.41 -21.90 15.74
N ILE A 285 12.01 -22.28 14.53
CA ILE A 285 10.58 -22.42 14.21
C ILE A 285 10.00 -23.59 15.01
N GLN A 286 10.75 -24.69 15.04
CA GLN A 286 10.34 -25.91 15.76
C GLN A 286 10.09 -25.65 17.26
N THR A 287 11.08 -25.05 17.90
CA THR A 287 11.05 -24.75 19.34
C THR A 287 9.92 -23.79 19.73
N TYR A 288 9.85 -22.64 19.07
CA TYR A 288 8.98 -21.53 19.47
C TYR A 288 7.55 -21.57 18.96
N THR A 289 7.24 -22.54 18.10
CA THR A 289 5.86 -22.70 17.63
C THR A 289 5.16 -23.91 18.25
N LYS A 290 5.77 -24.54 19.26
CA LYS A 290 5.12 -25.58 20.05
C LYS A 290 5.13 -25.21 21.53
N ASP A 296 8.27 -18.97 30.00
CA ASP A 296 9.71 -18.73 30.12
C ASP A 296 10.26 -17.90 28.96
N VAL A 297 9.38 -17.18 28.25
CA VAL A 297 9.80 -16.29 27.18
C VAL A 297 9.26 -14.85 27.40
N PRO A 298 10.18 -13.88 27.53
CA PRO A 298 9.74 -12.52 27.85
C PRO A 298 9.04 -11.79 26.68
N SER A 299 8.34 -10.70 27.02
CA SER A 299 7.88 -9.75 26.03
C SER A 299 9.07 -8.92 25.51
N LEU A 300 9.05 -8.63 24.22
CA LEU A 300 10.10 -7.81 23.60
C LEU A 300 9.58 -6.39 23.56
N ASP A 301 9.65 -5.71 24.70
CA ASP A 301 8.98 -4.42 24.87
C ASP A 301 9.61 -3.31 24.03
N ASN A 302 10.95 -3.33 24.01
CA ASN A 302 11.68 -2.38 23.18
C ASN A 302 11.36 -2.52 21.66
N ALA A 303 11.14 -3.75 21.19
CA ALA A 303 10.81 -3.97 19.79
C ALA A 303 9.42 -3.45 19.44
N ILE A 304 8.43 -3.66 20.32
CA ILE A 304 7.07 -3.12 20.10
C ILE A 304 7.09 -1.60 19.97
N LEU A 305 7.88 -0.97 20.83
CA LEU A 305 8.00 0.48 20.83
C LEU A 305 8.64 0.93 19.52
N ASN A 306 9.70 0.25 19.09
CA ASN A 306 10.38 0.62 17.84
C ASN A 306 9.47 0.41 16.62
N ILE A 307 8.71 -0.69 16.64
CA ILE A 307 7.79 -0.98 15.56
C ILE A 307 6.70 0.08 15.47
N ARG A 308 6.09 0.48 16.60
CA ARG A 308 5.09 1.53 16.53
C ARG A 308 5.65 2.87 16.05
N GLN A 309 6.91 3.16 16.35
CA GLN A 309 7.55 4.33 15.75
C GLN A 309 7.78 4.18 14.26
N PHE A 310 8.28 3.00 13.85
CA PHE A 310 8.53 2.71 12.45
C PHE A 310 7.24 2.87 11.62
N GLN A 311 6.19 2.24 12.13
CA GLN A 311 4.91 2.22 11.47
C GLN A 311 4.29 3.59 11.28
N GLY A 312 4.25 4.33 12.39
CA GLY A 312 3.73 5.71 12.38
C GLY A 312 4.47 6.58 11.38
N THR A 313 5.78 6.50 11.40
CA THR A 313 6.59 7.24 10.41
C THR A 313 6.26 6.92 8.96
N GLN A 314 6.17 5.62 8.65
CA GLN A 314 5.86 5.16 7.29
C GLN A 314 4.47 5.65 6.88
N LYS A 315 3.49 5.52 7.77
CA LYS A 315 2.11 5.90 7.43
C LYS A 315 1.93 7.42 7.26
N LEU A 316 2.64 8.22 8.07
CA LEU A 316 2.61 9.66 7.85
C LEU A 316 3.27 10.09 6.53
N ALA A 317 4.43 9.52 6.21
CA ALA A 317 5.05 9.85 4.90
C ALA A 317 4.12 9.45 3.72
N GLN A 318 3.49 8.28 3.80
CA GLN A 318 2.53 7.85 2.77
CA GLN A 318 2.52 7.84 2.77
C GLN A 318 1.40 8.85 2.67
N ALA A 319 0.86 9.24 3.84
CA ALA A 319 -0.27 10.18 3.90
C ALA A 319 0.12 11.51 3.33
N ALA A 320 1.33 11.95 3.60
CA ALA A 320 1.76 13.25 3.03
C ALA A 320 1.87 13.18 1.50
N LEU A 321 2.43 12.08 0.96
CA LEU A 321 2.47 11.90 -0.52
C LEU A 321 1.10 11.84 -1.19
N LEU A 322 0.15 11.15 -0.57
CA LEU A 322 -1.20 11.02 -1.17
C LEU A 322 -1.98 12.33 -1.11
N TYR A 323 -1.77 13.06 -0.02
CA TYR A 323 -2.34 14.40 0.08
C TYR A 323 -1.84 15.30 -1.04
N MET A 324 -0.53 15.35 -1.26
CA MET A 324 0.03 16.17 -2.37
C MET A 324 -0.49 15.73 -3.74
N GLY A 325 -0.58 14.42 -3.97
CA GLY A 325 -1.15 13.89 -5.21
C GLY A 325 -2.59 14.27 -5.39
N SER A 326 -3.36 14.13 -4.29
CA SER A 326 -4.80 14.46 -4.32
C SER A 326 -5.01 15.91 -4.60
N LYS A 327 -4.17 16.76 -4.03
CA LYS A 327 -4.27 18.18 -4.36
C LYS A 327 -4.00 18.41 -5.87
N LEU A 328 -2.96 17.77 -6.44
CA LEU A 328 -2.67 18.02 -7.86
C LEU A 328 -3.77 17.48 -8.76
N THR A 329 -4.27 16.26 -8.48
CA THR A 329 -5.43 15.72 -9.22
C THR A 329 -6.63 16.67 -9.22
N SER A 330 -6.95 17.22 -8.04
CA SER A 330 -8.04 18.19 -7.92
C SER A 330 -7.81 19.44 -8.76
N GLN A 331 -6.59 19.98 -8.73
CA GLN A 331 -6.31 21.14 -9.58
C GLN A 331 -6.60 20.79 -11.03
N ASP A 332 -6.18 19.58 -11.45
CA ASP A 332 -6.36 19.11 -12.83
C ASP A 332 -7.85 18.90 -13.15
N GLU A 333 -8.57 18.16 -12.30
CA GLU A 333 -9.98 17.83 -12.56
C GLU A 333 -11.00 19.01 -12.42
N THR A 334 -10.76 19.93 -11.48
CA THR A 334 -11.57 21.14 -11.35
C THR A 334 -11.63 21.94 -12.66
N LYS A 335 -10.48 22.27 -13.22
CA LYS A 335 -10.42 23.04 -14.46
C LYS A 335 -10.98 22.25 -15.64
N GLU A 336 -10.71 20.95 -15.71
CA GLU A 336 -11.25 20.14 -16.81
C GLU A 336 -12.79 20.14 -16.78
N LEU A 337 -13.34 19.90 -15.59
CA LEU A 337 -14.78 19.81 -15.41
C LEU A 337 -15.49 21.10 -15.79
N THR A 338 -14.90 22.21 -15.39
CA THR A 338 -15.46 23.51 -15.66
C THR A 338 -15.52 23.80 -17.16
N ALA A 339 -14.49 23.37 -17.91
CA ALA A 339 -14.42 23.61 -19.37
C ALA A 339 -15.41 22.71 -20.12
N ILE A 340 -15.56 21.47 -19.66
CA ILE A 340 -16.60 20.58 -20.18
C ILE A 340 -18.00 21.21 -20.00
N PHE A 341 -18.29 21.75 -18.81
CA PHE A 341 -19.60 22.35 -18.54
C PHE A 341 -19.81 23.67 -19.30
N HIS A 342 -18.82 24.54 -19.27
CA HIS A 342 -18.85 25.74 -20.12
C HIS A 342 -19.17 25.39 -21.59
N LYS A 343 -18.43 24.45 -22.19
CA LYS A 343 -18.77 24.00 -23.55
C LYS A 343 -20.23 23.55 -23.65
N MET A 344 -20.66 22.72 -22.69
CA MET A 344 -22.01 22.16 -22.67
C MET A 344 -23.08 23.22 -22.53
N ASP A 345 -22.73 24.36 -21.92
CA ASP A 345 -23.69 25.42 -21.57
C ASP A 345 -24.20 26.24 -22.77
N LYS A 346 -25.00 25.60 -23.61
CA LYS A 346 -25.51 26.18 -24.87
C LYS A 346 -25.93 27.62 -24.69
N ASN A 347 -26.80 27.88 -23.72
CA ASN A 347 -27.37 29.21 -23.56
C ASN A 347 -26.43 30.15 -22.86
N GLY A 348 -25.28 29.70 -22.39
CA GLY A 348 -24.46 30.66 -21.66
C GLY A 348 -25.13 31.14 -20.38
N ASP A 349 -26.24 30.50 -20.01
CA ASP A 349 -26.93 30.71 -18.73
C ASP A 349 -26.02 30.56 -17.49
N GLY A 350 -25.03 29.67 -17.57
CA GLY A 350 -24.35 29.20 -16.37
C GLY A 350 -25.19 28.17 -15.65
N GLN A 351 -26.15 27.56 -16.37
CA GLN A 351 -27.18 26.65 -15.81
C GLN A 351 -27.29 25.35 -16.60
N LEU A 352 -26.98 24.23 -15.98
CA LEU A 352 -27.21 22.93 -16.58
C LEU A 352 -28.27 22.12 -15.80
N ASP A 353 -28.91 21.15 -16.46
CA ASP A 353 -29.76 20.20 -15.73
C ASP A 353 -28.98 18.97 -15.25
N ARG A 354 -29.66 18.10 -14.51
CA ARG A 354 -29.11 16.87 -13.97
C ARG A 354 -28.52 15.94 -15.04
N ALA A 355 -29.23 15.74 -16.16
CA ALA A 355 -28.71 14.86 -17.25
C ALA A 355 -27.42 15.40 -17.85
N GLU A 356 -27.32 16.73 -17.86
CA GLU A 356 -26.15 17.41 -18.38
C GLU A 356 -24.96 17.28 -17.44
N LEU A 357 -25.17 17.58 -16.15
CA LEU A 357 -24.16 17.40 -15.12
C LEU A 357 -23.62 15.97 -15.17
N ILE A 358 -24.53 15.01 -15.33
CA ILE A 358 -24.18 13.59 -15.46
C ILE A 358 -23.30 13.34 -16.71
N GLU A 359 -23.69 13.90 -17.85
CA GLU A 359 -22.94 13.69 -19.10
C GLU A 359 -21.53 14.33 -19.05
N GLY A 360 -21.43 15.46 -18.34
CA GLY A 360 -20.16 16.15 -18.21
C GLY A 360 -19.25 15.44 -17.22
N TYR A 361 -19.82 15.00 -16.10
CA TYR A 361 -19.10 14.20 -15.12
C TYR A 361 -18.61 12.91 -15.78
N LYS A 362 -19.45 12.31 -16.61
CA LYS A 362 -19.07 11.12 -17.43
C LYS A 362 -17.93 11.44 -18.37
N GLU A 363 -18.05 12.59 -19.03
CA GLU A 363 -17.01 13.06 -19.92
C GLU A 363 -15.67 13.15 -19.15
N LEU A 364 -15.71 13.64 -17.91
CA LEU A 364 -14.50 13.73 -17.10
C LEU A 364 -13.92 12.35 -16.81
N MET A 365 -14.78 11.36 -16.53
CA MET A 365 -14.30 9.99 -16.25
C MET A 365 -13.71 9.31 -17.49
N ARG A 366 -14.19 9.68 -18.68
CA ARG A 366 -13.57 9.20 -19.93
C ARG A 366 -12.16 9.74 -20.16
N MET A 367 -11.98 11.05 -20.07
CA MET A 367 -10.68 11.65 -20.33
C MET A 367 -9.73 11.20 -19.25
N LYS A 368 -10.04 11.63 -18.03
CA LYS A 368 -9.32 11.19 -16.86
C LYS A 368 -9.33 9.66 -16.84
N GLY A 369 -8.54 9.11 -15.92
CA GLY A 369 -8.55 7.68 -15.58
C GLY A 369 -8.08 7.57 -14.14
N GLN A 370 -9.02 7.67 -13.20
CA GLN A 370 -8.72 7.84 -11.77
C GLN A 370 -9.73 7.10 -10.87
N ASP A 371 -10.98 6.98 -11.33
CA ASP A 371 -12.09 6.52 -10.49
C ASP A 371 -12.51 5.10 -10.81
N ALA A 372 -11.76 4.14 -10.26
CA ALA A 372 -12.23 2.77 -10.18
C ALA A 372 -13.57 2.75 -9.42
N SER A 373 -13.74 3.69 -8.47
CA SER A 373 -15.01 3.92 -7.75
C SER A 373 -16.26 4.10 -8.62
N MET A 374 -16.08 4.66 -9.81
CA MET A 374 -17.19 4.93 -10.73
C MET A 374 -17.16 3.88 -11.81
N LEU A 375 -17.50 2.65 -11.45
CA LEU A 375 -17.33 1.48 -12.33
C LEU A 375 -18.22 1.54 -13.55
N ASP A 376 -19.46 1.99 -13.35
CA ASP A 376 -20.42 2.07 -14.44
C ASP A 376 -21.21 3.40 -14.39
N ALA A 377 -22.10 3.59 -15.37
CA ALA A 377 -22.95 4.80 -15.47
C ALA A 377 -23.78 5.02 -14.20
N SER A 378 -24.19 3.92 -13.58
CA SER A 378 -25.07 3.96 -12.40
C SER A 378 -24.37 4.51 -11.13
N ALA A 379 -23.06 4.25 -10.98
CA ALA A 379 -22.31 4.78 -9.84
C ALA A 379 -22.14 6.28 -10.00
N VAL A 380 -22.08 6.71 -11.26
CA VAL A 380 -21.92 8.13 -11.60
C VAL A 380 -23.21 8.92 -11.33
N GLU A 381 -24.35 8.35 -11.69
CA GLU A 381 -25.62 8.96 -11.33
C GLU A 381 -25.73 9.15 -9.82
N HIS A 382 -25.34 8.13 -9.04
CA HIS A 382 -25.42 8.21 -7.59
C HIS A 382 -24.50 9.29 -7.04
N GLU A 383 -23.28 9.34 -7.54
CA GLU A 383 -22.33 10.37 -7.10
C GLU A 383 -22.83 11.79 -7.41
N VAL A 384 -23.38 11.98 -8.61
CA VAL A 384 -23.99 13.25 -8.97
C VAL A 384 -25.10 13.57 -7.95
N ASP A 385 -25.99 12.61 -7.69
CA ASP A 385 -27.11 12.82 -6.77
C ASP A 385 -26.70 13.13 -5.35
N GLN A 386 -25.59 12.55 -4.88
CA GLN A 386 -25.04 12.91 -3.57
C GLN A 386 -24.62 14.39 -3.53
N VAL A 387 -23.94 14.85 -4.57
CA VAL A 387 -23.51 16.24 -4.64
C VAL A 387 -24.70 17.19 -4.70
N LEU A 388 -25.69 16.85 -5.52
CA LEU A 388 -26.89 17.65 -5.62
C LEU A 388 -27.64 17.72 -4.28
N ASP A 389 -27.74 16.60 -3.60
CA ASP A 389 -28.48 16.58 -2.34
C ASP A 389 -27.76 17.39 -1.25
N ALA A 390 -26.45 17.53 -1.37
CA ALA A 390 -25.69 18.40 -0.46
C ALA A 390 -25.84 19.89 -0.83
N VAL A 391 -25.91 20.18 -2.12
CA VAL A 391 -25.83 21.54 -2.62
C VAL A 391 -27.17 22.24 -2.63
N TYR A 398 -32.92 23.26 -12.99
CA TYR A 398 -31.64 23.68 -13.54
C TYR A 398 -30.73 24.29 -12.47
N ILE A 399 -29.42 24.11 -12.64
CA ILE A 399 -28.46 24.19 -11.53
C ILE A 399 -27.24 24.98 -11.98
N GLU A 400 -26.68 25.80 -11.07
CA GLU A 400 -25.45 26.56 -11.35
CA GLU A 400 -25.45 26.55 -11.39
C GLU A 400 -24.26 25.61 -11.34
N TYR A 401 -23.69 25.32 -12.50
CA TYR A 401 -22.62 24.32 -12.56
C TYR A 401 -21.38 24.71 -11.76
N SER A 402 -21.02 26.00 -11.69
CA SER A 402 -19.83 26.41 -10.90
C SER A 402 -19.89 26.02 -9.41
N GLU A 403 -21.07 26.03 -8.83
CA GLU A 403 -21.23 25.59 -7.44
C GLU A 403 -21.15 24.05 -7.32
N PHE A 404 -21.70 23.32 -8.30
CA PHE A 404 -21.61 21.86 -8.34
C PHE A 404 -20.17 21.40 -8.46
N VAL A 405 -19.36 22.11 -9.25
CA VAL A 405 -17.94 21.80 -9.39
C VAL A 405 -17.24 21.89 -8.03
N THR A 406 -17.51 22.95 -7.27
CA THR A 406 -16.88 23.15 -5.97
C THR A 406 -17.10 21.96 -5.07
N VAL A 407 -18.32 21.49 -4.95
CA VAL A 407 -18.64 20.46 -4.00
C VAL A 407 -18.15 19.08 -4.46
N ALA A 408 -18.32 18.75 -5.74
CA ALA A 408 -17.87 17.44 -6.28
C ALA A 408 -16.39 17.11 -5.98
N MET A 409 -15.52 18.13 -6.04
CA MET A 409 -14.05 17.96 -5.88
C MET A 409 -13.56 17.81 -4.43
N ASP A 410 -14.05 18.66 -3.51
CA ASP A 410 -13.79 18.49 -2.05
C ASP A 410 -14.12 17.12 -1.54
N ARG A 411 -15.12 16.55 -2.18
CA ARG A 411 -15.59 15.22 -1.92
C ARG A 411 -14.44 14.24 -2.00
N LYS A 412 -13.59 14.47 -2.99
CA LYS A 412 -12.56 13.50 -3.28
C LYS A 412 -11.29 13.74 -2.48
N THR A 413 -11.11 14.94 -1.98
CA THR A 413 -9.91 15.29 -1.28
C THR A 413 -9.99 14.94 0.16
N LEU A 414 -11.00 15.49 0.82
CA LEU A 414 -10.95 15.51 2.27
C LEU A 414 -10.78 14.11 2.80
N LEU A 415 -11.13 13.11 2.00
CA LEU A 415 -10.81 11.76 2.40
C LEU A 415 -9.30 11.65 2.57
N SER A 416 -8.56 12.41 1.76
CA SER A 416 -7.13 12.47 1.94
C SER A 416 -6.67 13.57 2.91
N ARG A 417 -7.40 14.69 3.01
CA ARG A 417 -7.10 15.72 4.03
C ARG A 417 -7.37 15.25 5.48
N GLU A 418 -8.41 14.47 5.67
CA GLU A 418 -8.74 14.00 7.00
C GLU A 418 -7.83 12.82 7.31
N ARG A 419 -7.42 12.04 6.30
CA ARG A 419 -6.44 10.98 6.57
C ARG A 419 -5.05 11.56 6.91
N LEU A 420 -4.75 12.72 6.34
CA LEU A 420 -3.52 13.44 6.68
C LEU A 420 -3.51 13.76 8.15
N GLU A 421 -4.60 14.41 8.57
CA GLU A 421 -4.74 14.80 9.97
C GLU A 421 -4.70 13.60 10.90
N ARG A 422 -5.41 12.53 10.54
CA ARG A 422 -5.40 11.32 11.35
C ARG A 422 -3.99 10.81 11.49
N ALA A 423 -3.21 10.86 10.40
CA ALA A 423 -1.87 10.36 10.39
C ALA A 423 -0.93 11.23 11.19
N PHE A 424 -1.11 12.53 11.14
CA PHE A 424 -0.33 13.46 12.01
C PHE A 424 -0.60 13.17 13.48
N ARG A 425 -1.84 13.02 13.88
CA ARG A 425 -2.17 12.75 15.31
C ARG A 425 -1.61 11.43 15.78
N MET A 426 -1.68 10.39 14.93
CA MET A 426 -1.15 9.08 15.28
C MET A 426 0.36 9.13 15.54
N PHE A 427 1.08 9.87 14.70
CA PHE A 427 2.51 10.04 14.83
C PHE A 427 2.93 10.85 16.04
N ASP A 428 2.15 11.87 16.40
CA ASP A 428 2.36 12.66 17.63
C ASP A 428 1.84 11.88 18.86
N SER A 429 2.51 10.80 19.23
CA SER A 429 2.10 9.91 20.33
C SER A 429 2.06 10.55 21.76
N ASP A 430 2.83 11.59 21.97
CA ASP A 430 2.85 12.36 23.20
C ASP A 430 1.76 13.45 23.34
N ASN A 431 0.93 13.62 22.31
CA ASN A 431 -0.08 14.67 22.26
C ASN A 431 0.53 16.06 22.54
N SER A 432 1.66 16.32 21.92
CA SER A 432 2.33 17.58 22.04
C SER A 432 1.72 18.61 21.08
N GLY A 433 1.06 18.14 20.03
CA GLY A 433 0.56 19.01 18.97
C GLY A 433 1.59 19.39 17.91
N LYS A 434 2.84 18.98 18.13
CA LYS A 434 4.01 19.45 17.38
C LYS A 434 4.86 18.32 16.85
N ILE A 435 5.48 18.55 15.70
CA ILE A 435 6.51 17.64 15.11
C ILE A 435 7.83 18.43 15.04
N SER A 436 8.89 17.88 15.63
CA SER A 436 10.20 18.52 15.68
C SER A 436 10.93 18.50 14.33
N SER A 437 11.97 19.31 14.22
CA SER A 437 12.77 19.41 12.97
C SER A 437 13.35 18.06 12.61
N THR A 438 13.88 17.38 13.62
CA THR A 438 14.44 16.04 13.46
C THR A 438 13.40 15.07 12.90
N GLU A 439 12.21 15.10 13.46
CA GLU A 439 11.14 14.25 13.00
C GLU A 439 10.81 14.56 11.54
N LEU A 440 10.68 15.84 11.21
CA LEU A 440 10.45 16.21 9.83
C LEU A 440 11.54 15.66 8.92
N ALA A 441 12.79 15.67 9.37
CA ALA A 441 13.87 15.23 8.50
C ALA A 441 13.70 13.74 8.18
N THR A 442 13.30 12.95 9.17
CA THR A 442 12.99 11.55 9.00
C THR A 442 11.82 11.36 8.05
N ILE A 443 10.74 12.09 8.28
CA ILE A 443 9.55 11.92 7.47
C ILE A 443 9.79 12.24 6.02
N PHE A 444 10.45 13.38 5.77
CA PHE A 444 10.69 13.82 4.41
C PHE A 444 11.73 12.95 3.70
N GLY A 445 12.69 12.43 4.45
CA GLY A 445 13.63 11.41 3.96
C GLY A 445 12.94 10.15 3.41
N VAL A 446 12.06 9.57 4.25
CA VAL A 446 11.21 8.44 3.84
C VAL A 446 10.33 8.79 2.61
N SER A 447 9.84 10.03 2.56
CA SER A 447 8.99 10.52 1.48
C SER A 447 9.83 10.97 0.27
N ASP A 448 11.13 10.91 0.45
CA ASP A 448 12.09 11.29 -0.61
C ASP A 448 11.93 12.70 -1.15
N VAL A 449 11.61 13.64 -0.27
CA VAL A 449 11.61 15.07 -0.57
C VAL A 449 12.93 15.67 -0.14
N ASP A 450 13.58 16.31 -1.08
CA ASP A 450 14.90 16.87 -0.88
C ASP A 450 15.07 17.77 0.40
N SER A 451 16.17 17.59 1.11
CA SER A 451 16.33 18.27 2.42
C SER A 451 16.37 19.81 2.36
N GLU A 452 17.09 20.36 1.40
CA GLU A 452 17.13 21.80 1.26
C GLU A 452 15.80 22.34 0.69
N THR A 453 15.05 21.49 0.01
CA THR A 453 13.74 21.87 -0.49
C THR A 453 12.71 22.05 0.67
N TRP A 454 12.61 21.06 1.55
CA TRP A 454 11.60 21.16 2.63
C TRP A 454 12.02 22.24 3.64
N LYS A 455 13.31 22.30 4.00
CA LYS A 455 13.81 23.36 4.88
C LYS A 455 13.47 24.73 4.31
N SER A 456 13.73 24.92 3.03
CA SER A 456 13.36 26.17 2.37
C SER A 456 11.87 26.48 2.58
N VAL A 457 11.02 25.48 2.35
CA VAL A 457 9.57 25.64 2.56
C VAL A 457 9.23 25.89 4.04
N LEU A 458 9.94 25.20 4.95
CA LEU A 458 9.83 25.39 6.41
C LEU A 458 10.27 26.77 6.82
N SER A 459 11.32 27.31 6.17
CA SER A 459 11.80 28.65 6.46
C SER A 459 10.73 29.67 6.15
N GLU A 460 9.98 29.45 5.09
CA GLU A 460 8.95 30.38 4.69
C GLU A 460 7.72 30.33 5.58
N VAL A 461 7.53 29.23 6.32
CA VAL A 461 6.42 29.09 7.26
C VAL A 461 6.87 29.37 8.73
N ASP A 462 8.03 28.80 9.18
CA ASP A 462 8.58 28.87 10.60
C ASP A 462 9.59 30.04 10.74
N LYS A 463 9.09 31.27 10.78
CA LYS A 463 9.97 32.43 10.92
C LYS A 463 10.17 32.82 12.38
N ASN A 464 9.77 31.94 13.31
CA ASN A 464 10.07 32.13 14.72
C ASN A 464 11.23 31.23 15.18
N ASN A 465 11.76 30.40 14.28
CA ASN A 465 12.86 29.48 14.62
C ASN A 465 12.44 28.45 15.68
N ASP A 466 11.18 28.06 15.77
CA ASP A 466 10.81 27.14 16.83
C ASP A 466 11.48 25.80 16.59
N GLY A 467 11.80 25.50 15.31
CA GLY A 467 12.27 24.19 14.96
C GLY A 467 11.26 23.08 15.24
N GLU A 468 9.98 23.44 15.12
CA GLU A 468 8.89 22.49 15.27
C GLU A 468 7.65 23.10 14.61
N VAL A 469 6.70 22.25 14.22
CA VAL A 469 5.50 22.67 13.49
C VAL A 469 4.27 21.99 14.06
N ASP A 470 3.16 22.72 14.05
CA ASP A 470 1.87 22.15 14.38
C ASP A 470 1.26 21.63 13.11
N PHE A 471 0.07 21.07 13.23
CA PHE A 471 -0.53 20.42 12.09
C PHE A 471 -0.76 21.36 10.92
N ASP A 472 -1.31 22.55 11.20
CA ASP A 472 -1.67 23.46 10.11
C ASP A 472 -0.43 23.92 9.34
N GLU A 473 0.65 24.17 10.08
CA GLU A 473 1.94 24.52 9.48
C GLU A 473 2.50 23.37 8.59
N PHE A 474 2.50 22.15 9.11
CA PHE A 474 2.85 20.97 8.33
C PHE A 474 2.01 20.92 7.03
N GLN A 475 0.70 21.08 7.15
CA GLN A 475 -0.14 21.07 5.97
C GLN A 475 0.23 22.15 4.96
N GLN A 476 0.44 23.38 5.47
CA GLN A 476 0.88 24.49 4.60
C GLN A 476 2.19 24.15 3.85
N MET A 477 3.16 23.52 4.53
CA MET A 477 4.38 23.10 3.86
C MET A 477 4.10 22.16 2.68
N LEU A 478 3.23 21.19 2.89
CA LEU A 478 2.97 20.22 1.84
C LEU A 478 2.32 20.92 0.63
N LEU A 479 1.43 21.87 0.88
CA LEU A 479 0.83 22.62 -0.22
C LEU A 479 1.88 23.37 -1.00
N LYS A 480 2.84 23.93 -0.29
CA LYS A 480 3.96 24.61 -0.96
C LYS A 480 4.90 23.68 -1.72
N LEU A 481 4.97 22.43 -1.30
CA LEU A 481 5.77 21.41 -1.97
C LEU A 481 5.05 20.80 -3.17
N CYS A 482 3.85 21.22 -3.48
CA CYS A 482 3.14 20.74 -4.64
C CYS A 482 2.58 21.88 -5.42
N GLY A 483 3.35 22.96 -5.47
CA GLY A 483 3.09 24.11 -6.36
C GLY A 483 1.96 25.01 -5.88
N ASN A 484 1.56 24.88 -4.62
CA ASN A 484 0.62 25.81 -4.01
C ASN A 484 1.33 26.63 -2.97
N5 UWB B . -8.30 -9.21 -0.92
C UWB B . -8.16 -8.08 -0.23
C3 UWB B . -7.35 -7.01 -0.66
C4 UWB B . -6.51 -6.68 -1.72
N2 UWB B . -5.91 -5.51 -1.55
N3 UWB B . -6.45 -5.00 -0.40
C5 UWB B . -6.36 -3.59 -0.11
C6 UWB B . -5.11 -3.03 0.44
C10 UWB B . -5.41 -1.71 1.15
C9 UWB B . -4.20 -1.25 1.95
N4 UWB B . -2.95 -1.99 1.75
C8 UWB B . -3.19 -3.42 1.93
C7 UWB B . -4.49 -4.02 1.41
C2 UWB B . -7.29 -5.89 0.18
N1 UWB B . -7.95 -5.75 1.34
C1 UWB B . -8.67 -6.83 1.64
N UWB B . -8.81 -7.97 0.95
C11 UWB B . -6.51 -7.37 -3.02
C16 UWB B . -5.35 -7.76 -3.64
C15 UWB B . -5.38 -8.52 -4.84
C17 UWB B . -4.20 -9.03 -5.45
C18 UWB B . -4.31 -9.75 -6.62
O UWB B . -3.18 -10.26 -7.20
C21 UWB B . -2.73 -11.55 -6.75
C22 UWB B . -2.40 -12.39 -7.98
C19 UWB B . -5.55 -10.02 -7.19
C20 UWB B . -6.68 -9.60 -6.59
C14 UWB B . -6.64 -8.85 -5.40
C13 UWB B . -7.80 -8.40 -4.77
C12 UWB B . -7.74 -7.68 -3.62
#